data_7DQB
#
_entry.id   7DQB
#
_cell.length_a   63.071
_cell.length_b   74.642
_cell.length_c   104.097
_cell.angle_alpha   90.000
_cell.angle_beta   90.000
_cell.angle_gamma   90.000
#
_symmetry.space_group_name_H-M   'P 21 21 21'
#
loop_
_entity.id
_entity.type
_entity.pdbx_description
1 polymer 'IclR homolog'
2 non-polymer 'P-HYDROXYBENZOIC ACID'
3 water water
#
_entity_poly.entity_id   1
_entity_poly.type   'polypeptide(L)'
_entity_poly.pdbx_seq_one_letter_code
;MGSSHHHHHHSSGLVPRGSHMANSPSGDSMLARVVRVLETFNVDRTAQTASDIGRRAALPSSTAHRVVDEMVLVGILERG
IDGKVRLGMRLWELALRGSMALRLRQVALPHMERVQQRVREHTQLAVLEHNEVLFLERLSHHEAVSNLARVAGRLPVHAS
SSGLMLLAHAGPEVREEVLSKPLPRVGPGTVTDPEALRRLLANAYRAGYVAAPGYIEAVATGIAVPIRSEGVVIAALSAV
QPLQNAVEPTVEILREAAVGIETDLRASRW
;
_entity_poly.pdbx_strand_id   A,B
#
loop_
_chem_comp.id
_chem_comp.type
_chem_comp.name
_chem_comp.formula
PHB non-polymer 'P-HYDROXYBENZOIC ACID' 'C7 H6 O3'
#
# COMPACT_ATOMS: atom_id res chain seq x y z
N SER A 29 -22.29 -18.92 1.20
CA SER A 29 -22.63 -17.76 0.32
C SER A 29 -21.43 -17.44 -0.57
N MET A 30 -21.68 -16.79 -1.71
CA MET A 30 -20.63 -16.48 -2.68
C MET A 30 -19.65 -15.46 -2.08
N LEU A 31 -20.13 -14.46 -1.35
CA LEU A 31 -19.24 -13.47 -0.70
C LEU A 31 -18.31 -14.20 0.27
N ALA A 32 -18.83 -15.15 1.07
CA ALA A 32 -18.04 -15.93 2.04
C ALA A 32 -16.95 -16.73 1.30
N ARG A 33 -17.30 -17.34 0.16
CA ARG A 33 -16.36 -18.15 -0.63
C ARG A 33 -15.26 -17.25 -1.20
N VAL A 34 -15.64 -16.05 -1.64
CA VAL A 34 -14.67 -15.07 -2.23
C VAL A 34 -13.65 -14.67 -1.16
N VAL A 35 -14.11 -14.38 0.06
CA VAL A 35 -13.22 -13.98 1.19
C VAL A 35 -12.28 -15.14 1.50
N ARG A 36 -12.80 -16.36 1.53
CA ARG A 36 -12.01 -17.58 1.84
C ARG A 36 -10.91 -17.76 0.79
N VAL A 37 -11.21 -17.44 -0.47
CA VAL A 37 -10.20 -17.47 -1.57
C VAL A 37 -9.13 -16.40 -1.32
N LEU A 38 -9.52 -15.17 -0.96
CA LEU A 38 -8.55 -14.09 -0.67
C LEU A 38 -7.65 -14.54 0.49
N GLU A 39 -8.23 -15.27 1.45
CA GLU A 39 -7.52 -15.67 2.70
C GLU A 39 -6.45 -16.73 2.41
N THR A 40 -6.50 -17.40 1.26
CA THR A 40 -5.50 -18.44 0.90
C THR A 40 -4.18 -17.77 0.50
N PHE A 41 -4.23 -16.55 -0.02
CA PHE A 41 -3.03 -15.72 -0.27
C PHE A 41 -2.51 -15.20 1.08
N ASN A 42 -1.23 -14.85 1.15
CA ASN A 42 -0.62 -14.35 2.41
C ASN A 42 0.68 -13.59 2.10
N VAL A 43 1.33 -13.06 3.13
CA VAL A 43 2.54 -12.21 2.99
C VAL A 43 3.61 -13.02 2.24
N ASP A 44 3.65 -14.34 2.42
CA ASP A 44 4.70 -15.24 1.86
C ASP A 44 4.18 -16.07 0.67
N ARG A 45 2.93 -15.86 0.23
CA ARG A 45 2.28 -16.68 -0.83
C ARG A 45 1.60 -15.76 -1.86
N THR A 46 2.23 -15.56 -3.01
CA THR A 46 1.80 -14.57 -4.03
C THR A 46 0.99 -15.25 -5.14
N ALA A 47 1.41 -16.45 -5.58
CA ALA A 47 0.84 -17.14 -6.77
C ALA A 47 0.38 -18.54 -6.38
N GLN A 48 -0.84 -18.92 -6.74
CA GLN A 48 -1.41 -20.26 -6.48
C GLN A 48 -2.11 -20.77 -7.73
N THR A 49 -2.22 -22.10 -7.85
CA THR A 49 -3.14 -22.80 -8.78
C THR A 49 -4.53 -22.75 -8.16
N ALA A 50 -5.59 -22.76 -8.97
CA ALA A 50 -6.98 -22.88 -8.49
C ALA A 50 -7.12 -24.18 -7.66
N SER A 51 -6.38 -25.23 -8.01
CA SER A 51 -6.35 -26.51 -7.25
C SER A 51 -5.84 -26.27 -5.82
N ASP A 52 -4.72 -25.58 -5.66
CA ASP A 52 -4.16 -25.24 -4.33
C ASP A 52 -5.15 -24.33 -3.59
N ILE A 53 -5.76 -23.38 -4.29
CA ILE A 53 -6.77 -22.47 -3.67
C ILE A 53 -7.92 -23.33 -3.12
N GLY A 54 -8.44 -24.26 -3.92
CA GLY A 54 -9.53 -25.16 -3.52
C GLY A 54 -9.20 -25.94 -2.25
N ARG A 55 -7.99 -26.49 -2.16
CA ARG A 55 -7.50 -27.19 -0.95
C ARG A 55 -7.53 -26.24 0.24
N ARG A 56 -6.87 -25.08 0.15
CA ARG A 56 -6.66 -24.15 1.29
C ARG A 56 -8.00 -23.52 1.70
N ALA A 57 -8.92 -23.27 0.77
CA ALA A 57 -10.18 -22.55 1.03
C ALA A 57 -11.34 -23.53 1.32
N ALA A 58 -11.06 -24.83 1.41
CA ALA A 58 -12.09 -25.88 1.63
C ALA A 58 -13.20 -25.76 0.58
N LEU A 59 -12.86 -25.56 -0.70
CA LEU A 59 -13.82 -25.60 -1.82
C LEU A 59 -13.52 -26.82 -2.67
N PRO A 60 -14.54 -27.65 -3.00
CA PRO A 60 -14.41 -28.64 -4.06
C PRO A 60 -13.95 -27.98 -5.36
N SER A 61 -13.21 -28.73 -6.19
CA SER A 61 -12.57 -28.31 -7.46
C SER A 61 -13.48 -27.41 -8.29
N SER A 62 -14.67 -27.89 -8.65
CA SER A 62 -15.65 -27.18 -9.51
C SER A 62 -15.94 -25.80 -8.92
N THR A 63 -16.23 -25.73 -7.61
CA THR A 63 -16.59 -24.45 -6.95
C THR A 63 -15.37 -23.53 -6.90
N ALA A 64 -14.19 -24.06 -6.59
CA ALA A 64 -12.92 -23.30 -6.56
C ALA A 64 -12.67 -22.68 -7.94
N HIS A 65 -12.84 -23.42 -9.04
CA HIS A 65 -12.59 -22.92 -10.42
C HIS A 65 -13.62 -21.82 -10.75
N ARG A 66 -14.89 -22.04 -10.43
CA ARG A 66 -16.00 -21.11 -10.72
C ARG A 66 -15.79 -19.78 -9.99
N VAL A 67 -15.45 -19.82 -8.71
CA VAL A 67 -15.27 -18.60 -7.88
C VAL A 67 -14.00 -17.87 -8.35
N VAL A 68 -12.91 -18.59 -8.53
CA VAL A 68 -11.61 -18.03 -9.03
C VAL A 68 -11.84 -17.42 -10.42
N ASP A 69 -12.54 -18.13 -11.32
CA ASP A 69 -12.76 -17.64 -12.70
C ASP A 69 -13.53 -16.33 -12.66
N GLU A 70 -14.54 -16.23 -11.80
CA GLU A 70 -15.40 -15.01 -11.69
C GLU A 70 -14.57 -13.88 -11.08
N MET A 71 -13.72 -14.18 -10.10
CA MET A 71 -12.82 -13.16 -9.47
C MET A 71 -11.78 -12.68 -10.49
N VAL A 72 -11.27 -13.56 -11.35
CA VAL A 72 -10.35 -13.20 -12.46
C VAL A 72 -11.11 -12.28 -13.44
N LEU A 73 -12.38 -12.59 -13.73
CA LEU A 73 -13.22 -11.84 -14.70
C LEU A 73 -13.39 -10.37 -14.24
N VAL A 74 -13.58 -10.14 -12.94
CA VAL A 74 -13.85 -8.78 -12.39
C VAL A 74 -12.52 -8.13 -11.97
N GLY A 75 -11.40 -8.82 -12.14
CA GLY A 75 -10.03 -8.29 -11.94
C GLY A 75 -9.60 -8.35 -10.48
N ILE A 76 -10.38 -9.00 -9.60
CA ILE A 76 -10.05 -9.18 -8.15
C ILE A 76 -8.81 -10.09 -8.04
N LEU A 77 -8.73 -11.07 -8.94
CA LEU A 77 -7.52 -11.90 -9.14
C LEU A 77 -7.03 -11.69 -10.57
N GLU A 78 -5.75 -11.99 -10.81
CA GLU A 78 -5.17 -12.04 -12.16
C GLU A 78 -4.58 -13.42 -12.39
N ARG A 79 -4.76 -13.95 -13.59
CA ARG A 79 -4.19 -15.25 -14.01
C ARG A 79 -2.99 -14.96 -14.91
N GLY A 80 -1.80 -15.39 -14.49
CA GLY A 80 -0.54 -15.18 -15.25
C GLY A 80 -0.42 -16.15 -16.40
N ILE A 81 0.58 -15.91 -17.27
CA ILE A 81 0.88 -16.78 -18.44
C ILE A 81 1.33 -18.14 -17.93
N ASP A 82 1.74 -18.24 -16.66
CA ASP A 82 2.13 -19.52 -16.02
C ASP A 82 0.88 -20.29 -15.57
N GLY A 83 -0.31 -19.70 -15.73
CA GLY A 83 -1.59 -20.32 -15.35
C GLY A 83 -1.90 -20.16 -13.87
N LYS A 84 -0.99 -19.56 -13.09
CA LYS A 84 -1.19 -19.33 -11.64
C LYS A 84 -2.00 -18.06 -11.44
N VAL A 85 -2.79 -17.99 -10.38
CA VAL A 85 -3.61 -16.79 -10.05
C VAL A 85 -2.94 -16.03 -8.89
N ARG A 86 -3.10 -14.71 -8.89
CA ARG A 86 -2.47 -13.72 -7.97
C ARG A 86 -3.52 -12.69 -7.56
N LEU A 87 -3.34 -12.02 -6.41
CA LEU A 87 -4.20 -10.86 -6.06
C LEU A 87 -4.07 -9.83 -7.19
N GLY A 88 -5.20 -9.26 -7.62
CA GLY A 88 -5.26 -8.38 -8.79
C GLY A 88 -4.87 -6.95 -8.44
N MET A 89 -4.34 -6.21 -9.42
CA MET A 89 -4.07 -4.76 -9.31
C MET A 89 -5.37 -4.00 -9.08
N ARG A 90 -6.47 -4.45 -9.69
CA ARG A 90 -7.80 -3.80 -9.52
C ARG A 90 -8.25 -3.95 -8.05
N LEU A 91 -7.98 -5.09 -7.42
CA LEU A 91 -8.32 -5.31 -5.99
C LEU A 91 -7.47 -4.35 -5.12
N TRP A 92 -6.15 -4.31 -5.35
CA TRP A 92 -5.22 -3.40 -4.64
C TRP A 92 -5.76 -1.97 -4.72
N GLU A 93 -6.11 -1.51 -5.91
CA GLU A 93 -6.61 -0.14 -6.18
C GLU A 93 -7.90 0.13 -5.39
N LEU A 94 -8.90 -0.74 -5.52
CA LEU A 94 -10.24 -0.53 -4.90
C LEU A 94 -10.14 -0.57 -3.38
N ALA A 95 -9.20 -1.35 -2.82
CA ALA A 95 -9.02 -1.51 -1.36
C ALA A 95 -8.30 -0.30 -0.75
N LEU A 96 -7.42 0.36 -1.51
CA LEU A 96 -6.48 1.37 -0.95
C LEU A 96 -6.98 2.80 -1.22
N ARG A 97 -7.53 3.05 -2.41
CA ARG A 97 -8.19 4.32 -2.83
C ARG A 97 -8.91 4.98 -1.65
N GLY A 98 -8.45 6.14 -1.19
CA GLY A 98 -9.15 6.94 -0.15
C GLY A 98 -9.30 6.19 1.17
N SER A 99 -8.63 5.04 1.35
CA SER A 99 -8.76 4.17 2.55
C SER A 99 -8.15 4.89 3.76
N MET A 100 -8.63 4.52 4.96
CA MET A 100 -8.06 4.95 6.26
C MET A 100 -6.58 4.55 6.32
N ALA A 101 -6.24 3.34 5.88
CA ALA A 101 -4.86 2.79 5.94
C ALA A 101 -3.94 3.60 5.03
N LEU A 102 -4.40 4.02 3.85
CA LEU A 102 -3.60 4.88 2.95
C LEU A 102 -3.45 6.28 3.57
N ARG A 103 -4.54 6.90 4.05
CA ARG A 103 -4.51 8.29 4.56
C ARG A 103 -3.52 8.37 5.73
N LEU A 104 -3.57 7.43 6.66
CA LEU A 104 -2.68 7.47 7.86
C LEU A 104 -1.23 7.23 7.43
N ARG A 105 -0.99 6.22 6.58
CA ARG A 105 0.37 5.97 6.04
C ARG A 105 0.89 7.23 5.36
N GLN A 106 0.04 7.91 4.58
CA GLN A 106 0.46 9.11 3.79
C GLN A 106 0.93 10.20 4.75
N VAL A 107 0.15 10.50 5.78
CA VAL A 107 0.47 11.53 6.81
C VAL A 107 1.76 11.11 7.54
N ALA A 108 1.93 9.82 7.84
CA ALA A 108 3.05 9.29 8.66
C ALA A 108 4.36 9.25 7.86
N LEU A 109 4.32 8.97 6.56
CA LEU A 109 5.50 8.49 5.79
C LEU A 109 6.65 9.49 5.84
N PRO A 110 6.49 10.82 5.60
CA PRO A 110 7.62 11.75 5.64
C PRO A 110 8.34 11.75 6.99
N HIS A 111 7.58 11.70 8.08
CA HIS A 111 8.13 11.69 9.47
C HIS A 111 8.86 10.35 9.68
N MET A 112 8.31 9.26 9.13
CA MET A 112 8.89 7.90 9.24
C MET A 112 10.24 7.85 8.50
N GLU A 113 10.35 8.57 7.37
CA GLU A 113 11.58 8.64 6.54
C GLU A 113 12.67 9.40 7.30
N ARG A 114 12.32 10.46 8.03
CA ARG A 114 13.27 11.21 8.88
C ARG A 114 13.85 10.26 9.92
N VAL A 115 12.99 9.50 10.62
CA VAL A 115 13.42 8.49 11.64
C VAL A 115 14.36 7.50 10.95
N GLN A 116 13.97 7.02 9.77
CA GLN A 116 14.72 5.99 9.03
C GLN A 116 16.11 6.56 8.68
N GLN A 117 16.19 7.83 8.28
CA GLN A 117 17.47 8.54 7.99
C GLN A 117 18.37 8.54 9.22
N ARG A 118 17.82 8.77 10.41
CA ARG A 118 18.59 8.91 11.67
C ARG A 118 19.04 7.54 12.17
N VAL A 119 18.11 6.58 12.31
CA VAL A 119 18.36 5.26 12.99
C VAL A 119 18.90 4.24 11.98
N ARG A 120 18.48 4.28 10.72
CA ARG A 120 18.99 3.41 9.63
C ARG A 120 18.85 1.92 10.01
N GLU A 121 17.73 1.55 10.64
CA GLU A 121 17.39 0.14 10.96
C GLU A 121 16.02 -0.18 10.35
N HIS A 122 14.95 -0.12 11.13
CA HIS A 122 13.54 -0.27 10.66
C HIS A 122 12.66 0.76 11.36
N THR A 123 11.78 1.41 10.61
CA THR A 123 10.67 2.24 11.15
C THR A 123 9.37 1.59 10.66
N GLN A 124 8.39 1.40 11.54
CA GLN A 124 7.10 0.82 11.11
C GLN A 124 5.94 1.45 11.87
N LEU A 125 4.75 1.29 11.28
CA LEU A 125 3.49 1.86 11.75
C LEU A 125 2.49 0.72 11.87
N ALA A 126 1.75 0.64 12.99
CA ALA A 126 0.84 -0.47 13.30
C ALA A 126 -0.44 0.06 13.94
N VAL A 127 -1.50 -0.74 13.82
CA VAL A 127 -2.81 -0.56 14.50
C VAL A 127 -3.14 -1.89 15.17
N LEU A 128 -4.09 -1.88 16.10
CA LEU A 128 -4.73 -3.10 16.62
C LEU A 128 -5.84 -3.51 15.66
N GLU A 129 -5.91 -4.80 15.33
CA GLU A 129 -7.03 -5.34 14.54
C GLU A 129 -7.34 -6.75 15.06
N HIS A 130 -8.52 -6.93 15.64
CA HIS A 130 -8.97 -8.15 16.35
C HIS A 130 -7.92 -8.61 17.37
N ASN A 131 -7.38 -7.68 18.17
CA ASN A 131 -6.47 -7.97 19.32
C ASN A 131 -5.18 -8.63 18.83
N GLU A 132 -4.73 -8.28 17.62
CA GLU A 132 -3.38 -8.57 17.10
C GLU A 132 -2.82 -7.27 16.52
N VAL A 133 -1.52 -7.23 16.28
CA VAL A 133 -0.86 -6.06 15.64
C VAL A 133 -0.85 -6.28 14.12
N LEU A 134 -1.36 -5.30 13.38
CA LEU A 134 -1.35 -5.25 11.90
C LEU A 134 -0.51 -4.06 11.46
N PHE A 135 0.51 -4.30 10.63
CA PHE A 135 1.47 -3.24 10.22
C PHE A 135 0.95 -2.59 8.93
N LEU A 136 0.82 -1.26 8.95
CA LEU A 136 0.40 -0.42 7.80
C LEU A 136 1.61 -0.04 6.95
N GLU A 137 2.81 0.01 7.56
CA GLU A 137 4.03 0.53 6.88
C GLU A 137 5.29 -0.02 7.55
N ARG A 138 6.32 -0.26 6.75
CA ARG A 138 7.67 -0.68 7.22
C ARG A 138 8.74 -0.13 6.27
N LEU A 139 9.67 0.67 6.80
CA LEU A 139 10.89 1.12 6.10
C LEU A 139 12.09 0.36 6.68
N SER A 140 12.97 -0.16 5.81
CA SER A 140 14.12 -1.00 6.22
C SER A 140 15.37 -0.57 5.45
N HIS A 141 16.49 -0.42 6.17
CA HIS A 141 17.83 -0.27 5.57
C HIS A 141 18.36 -1.66 5.20
N HIS A 142 19.02 -1.80 4.04
CA HIS A 142 19.37 -3.12 3.44
C HIS A 142 20.23 -3.94 4.41
N GLU A 143 20.96 -3.29 5.33
CA GLU A 143 21.90 -3.96 6.27
C GLU A 143 21.34 -3.95 7.71
N ALA A 144 20.03 -3.78 7.87
CA ALA A 144 19.36 -3.71 9.19
C ALA A 144 19.27 -5.11 9.82
N VAL A 145 18.99 -5.14 11.12
CA VAL A 145 18.73 -6.38 11.90
C VAL A 145 17.52 -7.11 11.30
N SER A 146 17.44 -8.41 11.56
CA SER A 146 16.28 -9.28 11.23
C SER A 146 14.99 -8.68 11.82
N ASN A 147 13.95 -8.55 11.00
CA ASN A 147 12.64 -7.98 11.40
C ASN A 147 11.53 -8.88 10.83
N LEU A 148 10.59 -9.30 11.68
CA LEU A 148 9.51 -10.25 11.30
C LEU A 148 8.18 -9.53 11.05
N ALA A 149 8.13 -8.21 11.27
CA ALA A 149 6.95 -7.37 10.95
C ALA A 149 6.90 -7.17 9.43
N ARG A 150 5.75 -7.44 8.82
CA ARG A 150 5.54 -7.26 7.37
C ARG A 150 4.33 -6.34 7.18
N VAL A 151 4.34 -5.51 6.15
CA VAL A 151 3.15 -4.70 5.75
C VAL A 151 2.01 -5.68 5.46
N ALA A 152 0.82 -5.41 5.99
CA ALA A 152 -0.40 -6.22 5.84
C ALA A 152 -0.18 -7.61 6.46
N GLY A 153 0.79 -7.73 7.37
CA GLY A 153 1.06 -8.92 8.19
C GLY A 153 0.82 -8.60 9.66
N ARG A 154 0.88 -9.60 10.51
CA ARG A 154 0.48 -9.51 11.94
C ARG A 154 1.62 -10.00 12.83
N LEU A 155 1.65 -9.53 14.07
CA LEU A 155 2.44 -10.12 15.17
C LEU A 155 1.58 -10.16 16.43
N PRO A 156 1.91 -11.02 17.42
CA PRO A 156 1.15 -11.08 18.67
C PRO A 156 1.23 -9.76 19.43
N VAL A 157 0.11 -9.37 20.05
CA VAL A 157 -0.08 -8.08 20.75
C VAL A 157 0.78 -8.05 22.03
N HIS A 158 0.94 -9.18 22.72
CA HIS A 158 1.64 -9.26 24.03
C HIS A 158 3.15 -9.26 23.85
N ALA A 159 3.65 -9.58 22.65
CA ALA A 159 5.08 -9.91 22.39
C ALA A 159 5.78 -8.78 21.60
N SER A 160 5.04 -7.88 20.96
CA SER A 160 5.62 -6.78 20.14
C SER A 160 5.52 -5.47 20.90
N SER A 161 6.54 -4.61 20.78
CA SER A 161 6.54 -3.24 21.36
C SER A 161 5.28 -2.52 20.92
N SER A 162 4.93 -2.61 19.63
CA SER A 162 3.75 -1.95 19.02
C SER A 162 2.48 -2.44 19.73
N GLY A 163 2.33 -3.76 19.88
CA GLY A 163 1.15 -4.37 20.53
C GLY A 163 0.99 -3.92 21.97
N LEU A 164 2.07 -3.96 22.75
CA LEU A 164 2.04 -3.57 24.19
C LEU A 164 1.63 -2.09 24.31
N MET A 165 2.22 -1.21 23.49
CA MET A 165 1.92 0.24 23.49
C MET A 165 0.45 0.48 23.16
N LEU A 166 -0.10 -0.26 22.18
CA LEU A 166 -1.51 -0.09 21.75
C LEU A 166 -2.45 -0.71 22.81
N LEU A 167 -2.09 -1.87 23.37
CA LEU A 167 -2.91 -2.58 24.39
C LEU A 167 -2.94 -1.75 25.68
N ALA A 168 -1.89 -0.98 25.98
CA ALA A 168 -1.83 -0.08 27.16
C ALA A 168 -2.93 0.98 27.08
N HIS A 169 -3.46 1.29 25.89
CA HIS A 169 -4.48 2.36 25.66
C HIS A 169 -5.82 1.76 25.20
N ALA A 170 -5.98 0.44 25.22
CA ALA A 170 -7.15 -0.27 24.62
C ALA A 170 -8.37 -0.30 25.56
N GLY A 171 -8.22 0.07 26.83
CA GLY A 171 -9.35 0.00 27.79
C GLY A 171 -9.51 -1.40 28.38
N PRO A 172 -10.24 -1.51 29.51
CA PRO A 172 -10.12 -2.65 30.42
C PRO A 172 -10.60 -3.99 29.85
N GLU A 173 -11.64 -3.97 29.01
CA GLU A 173 -12.27 -5.20 28.49
C GLU A 173 -11.27 -5.90 27.57
N VAL A 174 -10.66 -5.18 26.62
CA VAL A 174 -9.65 -5.73 25.69
C VAL A 174 -8.46 -6.22 26.50
N ARG A 175 -8.01 -5.42 27.46
CA ARG A 175 -6.85 -5.76 28.32
C ARG A 175 -7.08 -7.13 28.97
N GLU A 176 -8.26 -7.36 29.58
CA GLU A 176 -8.56 -8.63 30.30
C GLU A 176 -8.68 -9.78 29.29
N GLU A 177 -9.21 -9.53 28.08
CA GLU A 177 -9.29 -10.58 27.04
C GLU A 177 -7.87 -11.12 26.82
N VAL A 178 -6.92 -10.23 26.55
CA VAL A 178 -5.51 -10.60 26.22
C VAL A 178 -4.86 -11.24 27.43
N LEU A 179 -5.07 -10.72 28.64
CA LEU A 179 -4.36 -11.18 29.86
C LEU A 179 -4.88 -12.55 30.30
N SER A 180 -6.04 -12.96 29.80
CA SER A 180 -6.70 -14.23 30.18
C SER A 180 -6.45 -15.33 29.13
N LYS A 181 -5.92 -14.98 27.95
CA LYS A 181 -5.76 -15.93 26.82
C LYS A 181 -4.40 -16.61 26.91
N PRO A 182 -4.15 -17.70 26.15
CA PRO A 182 -2.82 -18.31 26.12
C PRO A 182 -1.78 -17.28 25.66
N LEU A 183 -0.68 -17.17 26.42
CA LEU A 183 0.42 -16.21 26.16
C LEU A 183 1.72 -16.99 26.02
N PRO A 184 2.05 -17.47 24.79
CA PRO A 184 3.28 -18.22 24.58
C PRO A 184 4.45 -17.22 24.54
N ARG A 185 5.66 -17.65 24.91
CA ARG A 185 6.87 -16.83 24.65
C ARG A 185 7.20 -16.99 23.16
N VAL A 186 7.53 -15.89 22.49
CA VAL A 186 7.83 -15.83 21.03
C VAL A 186 9.35 -15.85 20.89
N GLY A 187 10.01 -14.79 21.39
CA GLY A 187 11.47 -14.71 21.54
C GLY A 187 11.87 -14.95 22.99
N PRO A 188 13.18 -15.02 23.30
CA PRO A 188 13.67 -15.34 24.65
C PRO A 188 13.11 -14.40 25.73
N GLY A 189 12.90 -13.12 25.40
CA GLY A 189 12.58 -12.06 26.39
C GLY A 189 11.09 -11.88 26.64
N THR A 190 10.22 -12.58 25.91
CA THR A 190 8.74 -12.35 25.94
C THR A 190 8.22 -12.45 27.38
N VAL A 191 7.52 -11.42 27.86
CA VAL A 191 6.89 -11.42 29.22
C VAL A 191 5.51 -12.08 29.09
N THR A 192 5.33 -13.26 29.71
CA THR A 192 4.11 -14.10 29.57
C THR A 192 3.29 -14.12 30.86
N ASP A 193 3.90 -13.88 32.03
CA ASP A 193 3.17 -13.83 33.33
C ASP A 193 2.15 -12.69 33.27
N PRO A 194 0.84 -12.98 33.40
CA PRO A 194 -0.20 -11.96 33.23
C PRO A 194 -0.04 -10.74 34.16
N GLU A 195 0.45 -10.93 35.39
CA GLU A 195 0.61 -9.82 36.36
C GLU A 195 1.82 -8.97 35.97
N ALA A 196 2.92 -9.59 35.53
CA ALA A 196 4.11 -8.85 35.04
C ALA A 196 3.70 -8.01 33.82
N LEU A 197 2.80 -8.54 32.97
CA LEU A 197 2.26 -7.82 31.78
C LEU A 197 1.44 -6.61 32.22
N ARG A 198 0.58 -6.82 33.21
CA ARG A 198 -0.26 -5.75 33.80
C ARG A 198 0.65 -4.59 34.21
N ARG A 199 1.79 -4.88 34.86
CA ARG A 199 2.75 -3.86 35.33
C ARG A 199 3.35 -3.13 34.11
N LEU A 200 3.84 -3.89 33.13
CA LEU A 200 4.45 -3.36 31.88
C LEU A 200 3.47 -2.38 31.22
N LEU A 201 2.18 -2.76 31.09
CA LEU A 201 1.13 -1.96 30.43
C LEU A 201 0.89 -0.65 31.18
N ALA A 202 0.80 -0.72 32.52
CA ALA A 202 0.64 0.45 33.42
C ALA A 202 1.84 1.39 33.27
N ASN A 203 3.07 0.85 33.27
CA ASN A 203 4.33 1.61 33.06
C ASN A 203 4.35 2.24 31.66
N ALA A 204 3.94 1.48 30.64
CA ALA A 204 3.94 1.93 29.22
C ALA A 204 3.01 3.14 29.07
N TYR A 205 1.78 3.00 29.59
CA TYR A 205 0.75 4.08 29.65
C TYR A 205 1.37 5.36 30.20
N ARG A 206 2.09 5.25 31.33
CA ARG A 206 2.69 6.40 32.05
C ARG A 206 3.86 6.96 31.24
N ALA A 207 4.78 6.10 30.82
CA ALA A 207 6.08 6.46 30.22
C ALA A 207 5.91 6.98 28.79
N GLY A 208 4.88 6.50 28.06
CA GLY A 208 4.56 6.93 26.68
C GLY A 208 5.39 6.20 25.65
N TYR A 209 6.05 5.09 26.04
CA TYR A 209 6.89 4.25 25.15
C TYR A 209 6.96 2.83 25.73
N VAL A 210 7.30 1.86 24.89
CA VAL A 210 7.65 0.47 25.28
C VAL A 210 8.99 0.11 24.61
N ALA A 211 9.97 -0.34 25.39
CA ALA A 211 11.18 -1.04 24.91
C ALA A 211 10.98 -2.53 25.17
N ALA A 212 11.15 -3.37 24.14
CA ALA A 212 10.86 -4.82 24.21
C ALA A 212 12.09 -5.59 23.75
N PRO A 213 13.12 -5.72 24.63
CA PRO A 213 14.36 -6.40 24.27
C PRO A 213 14.12 -7.91 24.07
N GLY A 214 14.33 -8.39 22.84
CA GLY A 214 14.25 -9.82 22.47
C GLY A 214 12.89 -10.45 22.73
N TYR A 215 11.79 -9.70 22.61
CA TYR A 215 10.41 -10.23 22.81
C TYR A 215 9.96 -11.02 21.58
N ILE A 216 10.53 -10.73 20.41
CA ILE A 216 10.20 -11.40 19.12
C ILE A 216 11.39 -12.24 18.69
N GLU A 217 12.58 -11.62 18.59
CA GLU A 217 13.85 -12.31 18.25
C GLU A 217 14.97 -11.83 19.18
N ALA A 218 15.82 -12.77 19.60
CA ALA A 218 16.98 -12.54 20.48
C ALA A 218 17.80 -11.33 19.98
N VAL A 219 17.97 -11.20 18.66
CA VAL A 219 18.90 -10.24 18.02
C VAL A 219 18.33 -8.81 18.04
N ALA A 220 17.05 -8.63 18.35
CA ALA A 220 16.32 -7.37 18.08
C ALA A 220 15.60 -6.85 19.33
N THR A 221 15.48 -5.53 19.42
CA THR A 221 14.63 -4.78 20.38
C THR A 221 13.62 -3.95 19.58
N GLY A 222 12.33 -4.11 19.90
CA GLY A 222 11.25 -3.23 19.42
C GLY A 222 11.07 -2.06 20.37
N ILE A 223 10.92 -0.85 19.83
CA ILE A 223 10.62 0.38 20.61
C ILE A 223 9.43 1.06 19.95
N ALA A 224 8.33 1.27 20.69
CA ALA A 224 7.09 1.84 20.14
C ALA A 224 6.62 3.01 20.99
N VAL A 225 6.05 4.01 20.31
CA VAL A 225 5.39 5.19 20.93
C VAL A 225 4.01 5.32 20.33
N PRO A 226 3.07 5.98 21.05
CA PRO A 226 1.72 6.19 20.55
C PRO A 226 1.62 7.31 19.50
N ILE A 227 0.61 7.19 18.63
CA ILE A 227 0.11 8.28 17.75
C ILE A 227 -1.33 8.56 18.20
N ARG A 228 -1.57 9.79 18.66
CA ARG A 228 -2.90 10.22 19.15
C ARG A 228 -3.60 11.00 18.04
N SER A 229 -4.92 10.95 18.02
CA SER A 229 -5.78 11.80 17.16
C SER A 229 -7.11 11.97 17.87
N GLU A 230 -7.50 13.22 18.12
CA GLU A 230 -8.72 13.57 18.87
C GLU A 230 -8.62 13.02 20.30
N GLY A 231 -7.41 12.95 20.87
CA GLY A 231 -7.18 12.43 22.23
C GLY A 231 -7.26 10.91 22.31
N VAL A 232 -7.26 10.19 21.19
CA VAL A 232 -7.34 8.70 21.15
C VAL A 232 -6.09 8.16 20.47
N VAL A 233 -5.42 7.20 21.10
CA VAL A 233 -4.27 6.48 20.48
C VAL A 233 -4.81 5.59 19.37
N ILE A 234 -4.50 5.90 18.11
CA ILE A 234 -5.04 5.19 16.92
C ILE A 234 -3.97 4.28 16.31
N ALA A 235 -2.70 4.48 16.65
CA ALA A 235 -1.59 3.70 16.05
C ALA A 235 -0.36 3.75 16.93
N ALA A 236 0.60 2.87 16.65
CA ALA A 236 1.94 2.88 17.26
C ALA A 236 2.98 3.07 16.16
N LEU A 237 3.90 4.00 16.41
CA LEU A 237 5.13 4.20 15.61
C LEU A 237 6.26 3.49 16.33
N SER A 238 7.03 2.71 15.60
CA SER A 238 7.98 1.72 16.16
C SER A 238 9.30 1.78 15.40
N ALA A 239 10.40 1.48 16.09
CA ALA A 239 11.69 1.10 15.49
C ALA A 239 12.04 -0.32 15.93
N VAL A 240 12.64 -1.10 15.02
CA VAL A 240 13.25 -2.41 15.33
C VAL A 240 14.75 -2.25 15.07
N GLN A 241 15.56 -2.45 16.12
CA GLN A 241 17.03 -2.19 16.09
C GLN A 241 17.75 -3.35 16.76
N PRO A 242 19.05 -3.55 16.48
CA PRO A 242 19.85 -4.56 17.17
C PRO A 242 19.73 -4.42 18.69
N LEU A 243 19.75 -5.57 19.40
CA LEU A 243 19.57 -5.68 20.87
C LEU A 243 20.54 -4.75 21.59
N GLN A 244 21.77 -4.60 21.06
CA GLN A 244 22.90 -3.92 21.74
C GLN A 244 22.79 -2.40 21.63
N ASN A 245 22.07 -1.86 20.62
CA ASN A 245 21.95 -0.39 20.43
C ASN A 245 21.25 0.22 21.64
N ALA A 246 21.60 1.45 21.99
CA ALA A 246 21.00 2.19 23.11
C ALA A 246 19.56 2.55 22.75
N VAL A 247 18.69 2.58 23.75
CA VAL A 247 17.23 2.67 23.58
C VAL A 247 16.82 4.14 23.62
N GLU A 248 17.39 4.88 24.57
CA GLU A 248 17.04 6.28 24.89
C GLU A 248 17.05 7.13 23.63
N PRO A 249 18.13 7.10 22.81
CA PRO A 249 18.21 7.95 21.61
C PRO A 249 17.10 7.65 20.59
N THR A 250 16.73 6.38 20.43
CA THR A 250 15.67 5.92 19.49
C THR A 250 14.31 6.38 20.02
N VAL A 251 14.07 6.27 21.33
CA VAL A 251 12.82 6.76 21.99
C VAL A 251 12.61 8.23 21.61
N GLU A 252 13.62 9.08 21.86
CA GLU A 252 13.57 10.56 21.60
C GLU A 252 13.17 10.81 20.14
N ILE A 253 13.82 10.10 19.21
CA ILE A 253 13.61 10.29 17.74
C ILE A 253 12.16 9.93 17.40
N LEU A 254 11.62 8.85 17.97
CA LEU A 254 10.23 8.35 17.71
C LEU A 254 9.20 9.33 18.30
N ARG A 255 9.45 9.82 19.52
CA ARG A 255 8.60 10.86 20.18
C ARG A 255 8.49 12.09 19.28
N GLU A 256 9.62 12.61 18.77
CA GLU A 256 9.65 13.79 17.86
C GLU A 256 8.80 13.48 16.62
N ALA A 257 9.06 12.34 15.97
CA ALA A 257 8.33 11.91 14.74
C ALA A 257 6.82 11.86 15.03
N ALA A 258 6.43 11.30 16.18
CA ALA A 258 5.02 11.12 16.59
C ALA A 258 4.32 12.48 16.69
N VAL A 259 4.98 13.48 17.30
CA VAL A 259 4.46 14.87 17.42
C VAL A 259 4.21 15.43 16.02
N GLY A 260 5.19 15.29 15.11
CA GLY A 260 5.08 15.70 13.70
C GLY A 260 3.86 15.09 13.04
N ILE A 261 3.68 13.78 13.17
CA ILE A 261 2.51 13.03 12.61
C ILE A 261 1.22 13.61 13.21
N GLU A 262 1.18 13.86 14.52
CA GLU A 262 -0.02 14.36 15.23
C GLU A 262 -0.38 15.76 14.72
N THR A 263 0.58 16.68 14.62
CA THR A 263 0.38 18.06 14.08
C THR A 263 -0.26 17.98 12.69
N ASP A 264 0.29 17.14 11.80
CA ASP A 264 -0.20 17.01 10.40
C ASP A 264 -1.57 16.33 10.40
N LEU A 265 -1.85 15.52 11.43
CA LEU A 265 -3.18 14.85 11.62
C LEU A 265 -4.21 15.91 12.02
N ARG A 266 -3.86 16.81 12.94
CA ARG A 266 -4.74 17.94 13.38
C ARG A 266 -5.00 18.90 12.21
N ALA A 267 -3.98 19.18 11.39
CA ALA A 267 -4.04 20.15 10.28
C ALA A 267 -4.93 19.62 9.15
N SER A 268 -4.88 18.31 8.89
CA SER A 268 -5.77 17.59 7.95
C SER A 268 -7.11 17.29 8.66
N SER B 29 -24.73 -11.04 -10.24
CA SER B 29 -23.92 -11.85 -9.27
C SER B 29 -23.67 -11.06 -7.98
N MET B 30 -23.55 -11.76 -6.85
CA MET B 30 -23.23 -11.15 -5.54
C MET B 30 -21.86 -10.46 -5.66
N LEU B 31 -20.88 -11.14 -6.25
CA LEU B 31 -19.49 -10.63 -6.46
C LEU B 31 -19.54 -9.37 -7.33
N ALA B 32 -20.38 -9.34 -8.36
CA ALA B 32 -20.53 -8.17 -9.25
C ALA B 32 -21.08 -6.99 -8.47
N ARG B 33 -22.09 -7.23 -7.63
CA ARG B 33 -22.72 -6.19 -6.78
C ARG B 33 -21.69 -5.69 -5.76
N VAL B 34 -20.90 -6.59 -5.17
CA VAL B 34 -19.83 -6.22 -4.19
C VAL B 34 -18.83 -5.29 -4.86
N VAL B 35 -18.41 -5.59 -6.11
CA VAL B 35 -17.35 -4.80 -6.82
C VAL B 35 -17.91 -3.41 -7.13
N ARG B 36 -19.16 -3.33 -7.58
CA ARG B 36 -19.86 -2.04 -7.87
C ARG B 36 -19.92 -1.19 -6.60
N VAL B 37 -20.09 -1.80 -5.43
CA VAL B 37 -20.09 -1.07 -4.15
C VAL B 37 -18.67 -0.53 -3.89
N LEU B 38 -17.64 -1.36 -4.04
CA LEU B 38 -16.23 -0.93 -3.83
C LEU B 38 -15.91 0.23 -4.78
N GLU B 39 -16.46 0.20 -5.99
CA GLU B 39 -16.18 1.20 -7.05
C GLU B 39 -16.76 2.57 -6.67
N THR B 40 -17.69 2.65 -5.72
CA THR B 40 -18.33 3.94 -5.33
C THR B 40 -17.33 4.76 -4.50
N PHE B 41 -16.45 4.09 -3.75
CA PHE B 41 -15.35 4.75 -3.01
C PHE B 41 -14.31 5.23 -4.04
N ASN B 42 -13.51 6.22 -3.67
CA ASN B 42 -12.53 6.80 -4.63
C ASN B 42 -11.43 7.54 -3.87
N VAL B 43 -10.49 8.14 -4.62
CA VAL B 43 -9.21 8.68 -4.06
C VAL B 43 -9.54 9.74 -2.99
N ASP B 44 -10.65 10.46 -3.12
CA ASP B 44 -11.03 11.54 -2.16
C ASP B 44 -12.40 11.27 -1.53
N ARG B 45 -12.84 10.00 -1.49
CA ARG B 45 -14.15 9.61 -0.89
C ARG B 45 -13.95 8.35 -0.04
N THR B 46 -13.89 8.55 1.28
CA THR B 46 -13.53 7.55 2.32
C THR B 46 -14.81 6.94 2.90
N ALA B 47 -15.84 7.76 3.10
CA ALA B 47 -17.04 7.40 3.89
C ALA B 47 -18.30 7.74 3.11
N GLN B 48 -19.25 6.81 3.07
CA GLN B 48 -20.57 6.97 2.41
C GLN B 48 -21.65 6.32 3.27
N THR B 49 -22.90 6.76 3.12
CA THR B 49 -24.12 6.02 3.54
C THR B 49 -24.44 4.97 2.47
N ALA B 50 -25.17 3.92 2.85
CA ALA B 50 -25.59 2.83 1.92
C ALA B 50 -26.48 3.42 0.83
N SER B 51 -27.32 4.41 1.17
CA SER B 51 -28.21 5.14 0.22
C SER B 51 -27.36 5.81 -0.85
N ASP B 52 -26.29 6.51 -0.45
CA ASP B 52 -25.39 7.23 -1.41
C ASP B 52 -24.67 6.18 -2.27
N ILE B 53 -24.20 5.10 -1.66
CA ILE B 53 -23.54 3.95 -2.37
C ILE B 53 -24.52 3.41 -3.42
N GLY B 54 -25.80 3.24 -3.04
CA GLY B 54 -26.86 2.76 -3.94
C GLY B 54 -27.01 3.67 -5.14
N ARG B 55 -27.02 4.99 -4.90
CA ARG B 55 -27.15 6.02 -5.96
C ARG B 55 -25.93 5.94 -6.89
N ARG B 56 -24.71 5.95 -6.35
CA ARG B 56 -23.47 5.97 -7.17
C ARG B 56 -23.34 4.68 -7.97
N ALA B 57 -23.72 3.54 -7.40
CA ALA B 57 -23.55 2.20 -8.02
C ALA B 57 -24.73 1.85 -8.94
N ALA B 58 -25.74 2.72 -9.05
CA ALA B 58 -26.99 2.48 -9.81
C ALA B 58 -27.67 1.20 -9.32
N LEU B 59 -27.62 0.95 -8.01
CA LEU B 59 -28.21 -0.25 -7.36
C LEU B 59 -29.50 0.15 -6.68
N PRO B 60 -30.57 -0.68 -6.70
CA PRO B 60 -31.80 -0.34 -5.96
C PRO B 60 -31.48 -0.22 -4.46
N SER B 61 -32.17 0.69 -3.77
CA SER B 61 -31.99 0.97 -2.32
C SER B 61 -31.92 -0.33 -1.52
N SER B 62 -32.92 -1.21 -1.63
CA SER B 62 -32.98 -2.48 -0.85
C SER B 62 -31.71 -3.30 -1.11
N THR B 63 -31.33 -3.48 -2.38
CA THR B 63 -30.14 -4.26 -2.80
C THR B 63 -28.88 -3.63 -2.21
N ALA B 64 -28.74 -2.30 -2.30
CA ALA B 64 -27.56 -1.54 -1.80
C ALA B 64 -27.43 -1.74 -0.28
N HIS B 65 -28.54 -1.67 0.46
CA HIS B 65 -28.54 -1.78 1.95
C HIS B 65 -28.16 -3.20 2.34
N ARG B 66 -28.67 -4.22 1.64
CA ARG B 66 -28.40 -5.66 1.94
C ARG B 66 -26.93 -5.95 1.69
N VAL B 67 -26.42 -5.57 0.52
CA VAL B 67 -25.04 -5.88 0.07
C VAL B 67 -24.07 -5.19 1.05
N VAL B 68 -24.33 -3.92 1.37
CA VAL B 68 -23.45 -3.13 2.30
C VAL B 68 -23.38 -3.85 3.66
N ASP B 69 -24.53 -4.28 4.19
CA ASP B 69 -24.62 -4.99 5.50
C ASP B 69 -23.77 -6.26 5.45
N GLU B 70 -23.88 -7.04 4.37
CA GLU B 70 -23.10 -8.30 4.21
C GLU B 70 -21.61 -7.95 4.19
N MET B 71 -21.23 -6.88 3.50
CA MET B 71 -19.82 -6.47 3.35
C MET B 71 -19.27 -5.98 4.69
N VAL B 72 -20.08 -5.27 5.47
CA VAL B 72 -19.72 -4.83 6.86
C VAL B 72 -19.54 -6.09 7.72
N LEU B 73 -20.46 -7.06 7.60
CA LEU B 73 -20.49 -8.30 8.42
C LEU B 73 -19.16 -9.06 8.27
N VAL B 74 -18.60 -9.15 7.06
CA VAL B 74 -17.36 -9.92 6.81
C VAL B 74 -16.12 -9.01 6.96
N GLY B 75 -16.29 -7.71 7.22
CA GLY B 75 -15.18 -6.77 7.48
C GLY B 75 -14.59 -6.16 6.20
N ILE B 76 -15.21 -6.38 5.04
CA ILE B 76 -14.76 -5.78 3.75
C ILE B 76 -15.05 -4.27 3.81
N LEU B 77 -16.14 -3.88 4.45
CA LEU B 77 -16.42 -2.48 4.85
C LEU B 77 -16.43 -2.44 6.37
N GLU B 78 -16.20 -1.26 6.94
CA GLU B 78 -16.40 -1.00 8.40
C GLU B 78 -17.39 0.15 8.55
N ARG B 79 -18.15 0.13 9.64
CA ARG B 79 -19.11 1.19 9.97
C ARG B 79 -18.54 2.00 11.13
N GLY B 80 -18.30 3.29 10.93
CA GLY B 80 -17.74 4.19 11.96
C GLY B 80 -18.80 4.63 12.97
N ILE B 81 -18.37 5.27 14.06
CA ILE B 81 -19.25 5.86 15.13
C ILE B 81 -20.11 6.99 14.54
N ASP B 82 -19.86 7.41 13.30
CA ASP B 82 -20.71 8.39 12.55
C ASP B 82 -21.78 7.65 11.75
N GLY B 83 -21.71 6.31 11.71
CA GLY B 83 -22.71 5.44 11.07
C GLY B 83 -22.45 5.24 9.59
N LYS B 84 -21.53 6.02 9.01
CA LYS B 84 -21.12 5.91 7.58
C LYS B 84 -20.27 4.65 7.42
N VAL B 85 -20.17 4.11 6.21
CA VAL B 85 -19.31 2.94 5.91
C VAL B 85 -18.08 3.39 5.13
N ARG B 86 -16.96 2.73 5.39
CA ARG B 86 -15.60 2.96 4.84
C ARG B 86 -15.04 1.64 4.32
N LEU B 87 -14.06 1.70 3.42
CA LEU B 87 -13.26 0.51 3.05
C LEU B 87 -12.63 -0.05 4.33
N GLY B 88 -12.77 -1.35 4.56
CA GLY B 88 -12.35 -2.02 5.80
C GLY B 88 -10.87 -2.31 5.82
N MET B 89 -10.29 -2.31 7.02
CA MET B 89 -8.89 -2.73 7.25
C MET B 89 -8.67 -4.18 6.81
N ARG B 90 -9.68 -5.05 6.93
CA ARG B 90 -9.53 -6.48 6.55
C ARG B 90 -9.38 -6.56 5.03
N LEU B 91 -10.14 -5.76 4.28
CA LEU B 91 -10.03 -5.65 2.80
C LEU B 91 -8.60 -5.18 2.45
N TRP B 92 -8.14 -4.10 3.08
CA TRP B 92 -6.77 -3.56 2.85
C TRP B 92 -5.76 -4.69 3.00
N GLU B 93 -5.85 -5.43 4.11
CA GLU B 93 -4.91 -6.52 4.49
C GLU B 93 -4.94 -7.63 3.44
N LEU B 94 -6.14 -8.11 3.09
CA LEU B 94 -6.29 -9.26 2.16
C LEU B 94 -5.83 -8.85 0.76
N ALA B 95 -5.93 -7.58 0.41
CA ALA B 95 -5.61 -7.07 -0.95
C ALA B 95 -4.10 -6.82 -1.10
N LEU B 96 -3.39 -6.49 -0.01
CA LEU B 96 -1.97 -6.06 -0.10
C LEU B 96 -1.03 -7.22 0.22
N ARG B 97 -1.36 -8.06 1.20
CA ARG B 97 -0.40 -9.07 1.71
C ARG B 97 0.07 -9.97 0.56
N GLY B 98 1.38 -9.94 0.29
CA GLY B 98 2.05 -10.76 -0.74
C GLY B 98 1.78 -10.30 -2.15
N SER B 99 1.02 -9.20 -2.34
CA SER B 99 0.54 -8.74 -3.67
C SER B 99 1.74 -8.31 -4.53
N MET B 100 1.57 -8.40 -5.85
CA MET B 100 2.55 -7.85 -6.84
C MET B 100 2.77 -6.35 -6.56
N ALA B 101 1.70 -5.61 -6.23
CA ALA B 101 1.76 -4.16 -6.00
C ALA B 101 2.62 -3.87 -4.77
N LEU B 102 2.43 -4.61 -3.67
CA LEU B 102 3.19 -4.38 -2.42
C LEU B 102 4.65 -4.79 -2.63
N ARG B 103 4.91 -5.94 -3.24
CA ARG B 103 6.29 -6.47 -3.38
C ARG B 103 7.11 -5.53 -4.25
N LEU B 104 6.56 -5.06 -5.37
CA LEU B 104 7.28 -4.14 -6.30
C LEU B 104 7.56 -2.81 -5.57
N ARG B 105 6.56 -2.23 -4.92
CA ARG B 105 6.68 -0.95 -4.17
C ARG B 105 7.77 -1.10 -3.11
N GLN B 106 7.79 -2.23 -2.40
CA GLN B 106 8.77 -2.54 -1.32
C GLN B 106 10.19 -2.54 -1.90
N VAL B 107 10.41 -3.28 -2.98
CA VAL B 107 11.73 -3.33 -3.68
C VAL B 107 12.08 -1.93 -4.19
N ALA B 108 11.10 -1.17 -4.69
CA ALA B 108 11.31 0.12 -5.39
C ALA B 108 11.63 1.25 -4.39
N LEU B 109 11.03 1.24 -3.20
CA LEU B 109 10.93 2.44 -2.33
C LEU B 109 12.32 2.97 -1.98
N PRO B 110 13.31 2.17 -1.52
CA PRO B 110 14.62 2.73 -1.18
C PRO B 110 15.25 3.46 -2.36
N HIS B 111 15.11 2.91 -3.57
CA HIS B 111 15.62 3.51 -4.83
C HIS B 111 14.84 4.79 -5.14
N MET B 112 13.52 4.77 -4.98
CA MET B 112 12.65 5.96 -5.19
C MET B 112 13.04 7.06 -4.21
N GLU B 113 13.40 6.68 -2.98
CA GLU B 113 13.74 7.64 -1.89
C GLU B 113 15.04 8.38 -2.26
N ARG B 114 15.98 7.69 -2.88
CA ARG B 114 17.30 8.27 -3.29
C ARG B 114 17.07 9.26 -4.43
N VAL B 115 16.20 8.94 -5.39
CA VAL B 115 15.81 9.86 -6.49
C VAL B 115 15.21 11.12 -5.84
N GLN B 116 14.33 10.91 -4.87
CA GLN B 116 13.60 12.00 -4.16
C GLN B 116 14.62 12.89 -3.43
N GLN B 117 15.61 12.31 -2.77
CA GLN B 117 16.71 13.06 -2.11
C GLN B 117 17.43 13.95 -3.14
N ARG B 118 17.68 13.43 -4.34
CA ARG B 118 18.51 14.11 -5.36
C ARG B 118 17.69 15.17 -6.12
N VAL B 119 16.45 14.87 -6.52
CA VAL B 119 15.64 15.77 -7.42
C VAL B 119 14.73 16.67 -6.58
N ARG B 120 14.25 16.19 -5.43
CA ARG B 120 13.44 16.96 -4.46
C ARG B 120 12.18 17.50 -5.14
N GLU B 121 11.61 16.77 -6.10
CA GLU B 121 10.29 17.11 -6.71
C GLU B 121 9.33 15.96 -6.42
N HIS B 122 9.04 15.10 -7.41
CA HIS B 122 8.19 13.90 -7.22
C HIS B 122 8.85 12.70 -7.87
N THR B 123 8.75 11.55 -7.20
CA THR B 123 9.15 10.22 -7.73
C THR B 123 7.93 9.31 -7.62
N GLN B 124 7.52 8.67 -8.71
CA GLN B 124 6.32 7.79 -8.66
C GLN B 124 6.55 6.55 -9.52
N LEU B 125 5.76 5.53 -9.24
CA LEU B 125 5.84 4.17 -9.81
C LEU B 125 4.45 3.81 -10.34
N ALA B 126 4.35 3.32 -11.58
CA ALA B 126 3.05 3.14 -12.26
C ALA B 126 3.06 1.87 -13.10
N VAL B 127 1.85 1.35 -13.33
CA VAL B 127 1.58 0.18 -14.21
C VAL B 127 0.48 0.57 -15.18
N LEU B 128 0.29 -0.23 -16.22
CA LEU B 128 -0.89 -0.14 -17.10
C LEU B 128 -1.98 -1.04 -16.54
N GLU B 129 -3.20 -0.51 -16.42
CA GLU B 129 -4.40 -1.28 -16.00
C GLU B 129 -5.59 -0.78 -16.79
N HIS B 130 -6.16 -1.65 -17.62
CA HIS B 130 -7.29 -1.37 -18.55
C HIS B 130 -7.00 -0.10 -19.36
N ASN B 131 -5.82 -0.02 -19.99
CA ASN B 131 -5.44 1.06 -20.93
C ASN B 131 -5.50 2.42 -20.22
N GLU B 132 -5.16 2.45 -18.94
CA GLU B 132 -4.95 3.69 -18.15
C GLU B 132 -3.70 3.47 -17.30
N VAL B 133 -3.09 4.56 -16.86
CA VAL B 133 -1.93 4.53 -15.91
C VAL B 133 -2.50 4.49 -14.50
N LEU B 134 -2.09 3.50 -13.70
CA LEU B 134 -2.42 3.36 -12.26
C LEU B 134 -1.14 3.50 -11.45
N PHE B 135 -1.13 4.38 -10.44
CA PHE B 135 0.07 4.71 -9.65
C PHE B 135 0.13 3.82 -8.40
N LEU B 136 1.23 3.07 -8.25
CA LEU B 136 1.50 2.20 -7.07
C LEU B 136 2.07 3.02 -5.92
N GLU B 137 2.81 4.08 -6.22
CA GLU B 137 3.50 4.89 -5.16
C GLU B 137 3.84 6.27 -5.70
N ARG B 138 3.84 7.26 -4.81
CA ARG B 138 4.22 8.66 -5.10
C ARG B 138 4.91 9.24 -3.85
N LEU B 139 6.15 9.74 -4.02
CA LEU B 139 6.90 10.52 -3.02
C LEU B 139 6.91 11.97 -3.48
N SER B 140 6.64 12.92 -2.57
CA SER B 140 6.54 14.35 -2.89
C SER B 140 7.30 15.17 -1.85
N HIS B 141 8.09 16.14 -2.31
CA HIS B 141 8.73 17.18 -1.47
C HIS B 141 7.70 18.26 -1.22
N HIS B 142 7.75 18.89 -0.04
CA HIS B 142 6.93 20.09 0.26
C HIS B 142 7.21 21.15 -0.82
N GLU B 143 6.17 21.84 -1.28
CA GLU B 143 6.22 22.93 -2.30
C GLU B 143 7.06 22.47 -3.51
N ALA B 144 6.88 21.20 -3.91
CA ALA B 144 7.25 20.68 -5.24
C ALA B 144 6.18 21.20 -6.22
N VAL B 145 6.40 21.05 -7.52
CA VAL B 145 5.45 21.49 -8.59
C VAL B 145 4.12 20.73 -8.41
N SER B 146 3.03 21.30 -8.93
CA SER B 146 1.70 20.63 -8.99
C SER B 146 1.83 19.25 -9.64
N ASN B 147 1.21 18.23 -9.04
CA ASN B 147 1.25 16.82 -9.51
C ASN B 147 -0.15 16.23 -9.32
N LEU B 148 -0.71 15.63 -10.38
CA LEU B 148 -2.10 15.10 -10.38
C LEU B 148 -2.10 13.58 -10.25
N ALA B 149 -0.93 12.93 -10.20
CA ALA B 149 -0.82 11.48 -9.96
C ALA B 149 -1.16 11.21 -8.50
N ARG B 150 -2.06 10.26 -8.23
CA ARG B 150 -2.45 9.86 -6.85
C ARG B 150 -2.22 8.36 -6.70
N VAL B 151 -1.74 7.96 -5.53
CA VAL B 151 -1.57 6.52 -5.19
C VAL B 151 -2.94 5.87 -5.35
N ALA B 152 -3.03 4.75 -6.08
CA ALA B 152 -4.30 4.06 -6.37
C ALA B 152 -5.21 4.99 -7.16
N GLY B 153 -4.61 5.96 -7.86
CA GLY B 153 -5.30 6.85 -8.81
C GLY B 153 -4.77 6.64 -10.21
N ARG B 154 -5.47 7.20 -11.21
CA ARG B 154 -5.21 6.94 -12.64
C ARG B 154 -4.92 8.27 -13.36
N LEU B 155 -4.22 8.19 -14.50
CA LEU B 155 -4.07 9.29 -15.49
C LEU B 155 -4.12 8.66 -16.88
N PRO B 156 -4.42 9.44 -17.94
CA PRO B 156 -4.48 8.90 -19.30
C PRO B 156 -3.12 8.43 -19.83
N VAL B 157 -3.11 7.34 -20.59
CA VAL B 157 -1.90 6.63 -21.10
C VAL B 157 -1.15 7.54 -22.09
N HIS B 158 -1.87 8.24 -22.96
CA HIS B 158 -1.30 9.00 -24.12
C HIS B 158 -0.69 10.33 -23.65
N ALA B 159 -1.11 10.83 -22.49
CA ALA B 159 -0.78 12.18 -21.97
C ALA B 159 0.28 12.10 -20.86
N SER B 160 0.51 10.91 -20.30
CA SER B 160 1.38 10.67 -19.12
C SER B 160 2.74 10.16 -19.60
N SER B 161 3.85 10.66 -19.04
CA SER B 161 5.21 10.17 -19.36
C SER B 161 5.23 8.67 -19.04
N SER B 162 4.68 8.28 -17.89
CA SER B 162 4.55 6.87 -17.44
C SER B 162 3.76 6.05 -18.47
N GLY B 163 2.63 6.58 -18.93
CA GLY B 163 1.74 5.91 -19.91
C GLY B 163 2.43 5.70 -21.25
N LEU B 164 3.11 6.72 -21.76
CA LEU B 164 3.79 6.65 -23.08
C LEU B 164 4.96 5.66 -23.00
N MET B 165 5.76 5.69 -21.92
CA MET B 165 6.87 4.72 -21.72
C MET B 165 6.31 3.29 -21.77
N LEU B 166 5.23 3.01 -21.03
CA LEU B 166 4.66 1.66 -20.91
C LEU B 166 4.01 1.25 -22.25
N LEU B 167 3.28 2.18 -22.88
CA LEU B 167 2.59 1.92 -24.16
C LEU B 167 3.63 1.62 -25.25
N ALA B 168 4.83 2.19 -25.14
CA ALA B 168 5.93 1.95 -26.10
C ALA B 168 6.32 0.46 -26.08
N HIS B 169 6.09 -0.24 -24.97
CA HIS B 169 6.52 -1.64 -24.76
C HIS B 169 5.33 -2.62 -24.77
N ALA B 170 4.11 -2.11 -24.86
CA ALA B 170 2.88 -2.93 -24.99
C ALA B 170 2.83 -3.51 -26.41
N GLY B 171 2.05 -4.57 -26.60
CA GLY B 171 1.88 -5.19 -27.93
C GLY B 171 1.25 -4.21 -28.92
N PRO B 172 1.26 -4.54 -30.23
CA PRO B 172 0.54 -3.75 -31.23
C PRO B 172 -0.97 -3.65 -30.97
N GLU B 173 -1.56 -4.69 -30.38
CA GLU B 173 -3.02 -4.78 -30.09
C GLU B 173 -3.38 -3.72 -29.04
N VAL B 174 -2.61 -3.64 -27.94
CA VAL B 174 -2.81 -2.63 -26.85
C VAL B 174 -2.60 -1.24 -27.44
N ARG B 175 -1.53 -1.04 -28.23
CA ARG B 175 -1.22 0.28 -28.82
C ARG B 175 -2.40 0.70 -29.73
N GLU B 176 -2.93 -0.23 -30.52
CA GLU B 176 -4.05 0.03 -31.48
C GLU B 176 -5.32 0.41 -30.71
N GLU B 177 -5.69 -0.35 -29.67
CA GLU B 177 -6.84 -0.03 -28.79
C GLU B 177 -6.72 1.43 -28.33
N VAL B 178 -5.59 1.78 -27.71
CA VAL B 178 -5.36 3.14 -27.11
C VAL B 178 -5.38 4.19 -28.22
N LEU B 179 -4.71 3.93 -29.34
CA LEU B 179 -4.52 4.91 -30.43
C LEU B 179 -5.82 5.13 -31.22
N SER B 180 -6.78 4.20 -31.16
CA SER B 180 -8.05 4.27 -31.94
C SER B 180 -9.15 5.01 -31.17
N LYS B 181 -8.94 5.31 -29.88
CA LYS B 181 -9.92 6.09 -29.06
C LYS B 181 -9.74 7.57 -29.36
N PRO B 182 -10.81 8.39 -29.27
CA PRO B 182 -10.65 9.84 -29.19
C PRO B 182 -9.64 10.16 -28.08
N LEU B 183 -8.67 11.01 -28.37
CA LEU B 183 -7.56 11.34 -27.44
C LEU B 183 -7.69 12.81 -27.04
N PRO B 184 -8.26 13.10 -25.86
CA PRO B 184 -8.39 14.49 -25.40
C PRO B 184 -7.02 15.11 -25.08
N ARG B 185 -6.87 16.41 -25.29
CA ARG B 185 -5.77 17.22 -24.70
C ARG B 185 -5.99 17.26 -23.18
N VAL B 186 -4.97 16.94 -22.39
CA VAL B 186 -5.06 16.96 -20.91
C VAL B 186 -4.41 18.26 -20.40
N GLY B 187 -3.22 18.55 -20.89
CA GLY B 187 -2.52 19.83 -20.72
C GLY B 187 -2.35 20.52 -22.07
N PRO B 188 -1.73 21.72 -22.10
CA PRO B 188 -1.51 22.44 -23.36
C PRO B 188 -0.67 21.64 -24.37
N GLY B 189 0.31 20.86 -23.89
CA GLY B 189 1.33 20.19 -24.72
C GLY B 189 0.97 18.77 -25.11
N THR B 190 -0.23 18.27 -24.75
CA THR B 190 -0.64 16.87 -25.01
C THR B 190 -0.66 16.59 -26.53
N VAL B 191 0.00 15.52 -26.94
CA VAL B 191 0.04 15.03 -28.36
C VAL B 191 -1.16 14.11 -28.54
N THR B 192 -2.05 14.42 -29.50
CA THR B 192 -3.33 13.70 -29.69
C THR B 192 -3.38 13.03 -31.07
N ASP B 193 -2.45 13.35 -31.96
CA ASP B 193 -2.44 12.77 -33.33
C ASP B 193 -1.87 11.36 -33.25
N PRO B 194 -2.62 10.32 -33.69
CA PRO B 194 -2.13 8.95 -33.62
C PRO B 194 -0.71 8.73 -34.18
N GLU B 195 -0.39 9.27 -35.36
CA GLU B 195 0.93 9.00 -35.98
C GLU B 195 2.02 9.78 -35.23
N ALA B 196 1.75 10.99 -34.73
CA ALA B 196 2.71 11.74 -33.89
C ALA B 196 3.00 10.93 -32.63
N LEU B 197 1.99 10.22 -32.09
CA LEU B 197 2.16 9.38 -30.89
C LEU B 197 3.04 8.18 -31.21
N ARG B 198 2.80 7.52 -32.35
CA ARG B 198 3.64 6.38 -32.85
C ARG B 198 5.11 6.81 -32.93
N ARG B 199 5.39 8.02 -33.40
CA ARG B 199 6.77 8.57 -33.50
C ARG B 199 7.35 8.73 -32.09
N LEU B 200 6.61 9.37 -31.17
CA LEU B 200 6.99 9.48 -29.74
C LEU B 200 7.31 8.09 -29.18
N LEU B 201 6.44 7.11 -29.39
CA LEU B 201 6.56 5.75 -28.81
C LEU B 201 7.83 5.07 -29.34
N ALA B 202 8.08 5.14 -30.64
CA ALA B 202 9.31 4.60 -31.28
C ALA B 202 10.54 5.24 -30.64
N ASN B 203 10.56 6.57 -30.50
CA ASN B 203 11.69 7.31 -29.89
C ASN B 203 11.89 6.83 -28.44
N ALA B 204 10.80 6.67 -27.68
CA ALA B 204 10.84 6.25 -26.26
C ALA B 204 11.36 4.81 -26.17
N TYR B 205 10.88 3.93 -27.04
CA TYR B 205 11.33 2.51 -27.14
C TYR B 205 12.85 2.48 -27.34
N ARG B 206 13.35 3.30 -28.28
CA ARG B 206 14.79 3.40 -28.66
C ARG B 206 15.60 4.00 -27.50
N ALA B 207 15.13 5.11 -26.94
CA ALA B 207 15.92 5.98 -26.03
C ALA B 207 15.88 5.41 -24.61
N GLY B 208 14.81 4.70 -24.25
CA GLY B 208 14.66 4.11 -22.90
C GLY B 208 14.20 5.15 -21.89
N TYR B 209 13.57 6.23 -22.35
CA TYR B 209 12.93 7.26 -21.49
C TYR B 209 11.92 8.05 -22.34
N VAL B 210 10.99 8.71 -21.66
CA VAL B 210 10.03 9.72 -22.24
C VAL B 210 10.12 10.97 -21.38
N ALA B 211 10.36 12.13 -21.99
CA ALA B 211 10.11 13.46 -21.39
C ALA B 211 8.80 13.97 -21.96
N ALA B 212 7.89 14.48 -21.12
CA ALA B 212 6.54 14.89 -21.52
C ALA B 212 6.28 16.32 -21.04
N PRO B 213 6.85 17.33 -21.74
CA PRO B 213 6.73 18.72 -21.30
C PRO B 213 5.29 19.23 -21.46
N GLY B 214 4.63 19.50 -20.33
CA GLY B 214 3.28 20.11 -20.25
C GLY B 214 2.18 19.23 -20.83
N TYR B 215 2.36 17.90 -20.86
CA TYR B 215 1.38 16.94 -21.44
C TYR B 215 0.22 16.72 -20.47
N ILE B 216 0.42 17.01 -19.18
CA ILE B 216 -0.63 16.87 -18.12
C ILE B 216 -1.01 18.27 -17.61
N GLU B 217 -0.01 19.08 -17.21
CA GLU B 217 -0.21 20.48 -16.76
C GLU B 217 0.92 21.35 -17.33
N ALA B 218 0.57 22.58 -17.73
CA ALA B 218 1.48 23.61 -18.29
C ALA B 218 2.77 23.71 -17.45
N VAL B 219 2.65 23.67 -16.12
CA VAL B 219 3.79 23.94 -15.20
C VAL B 219 4.73 22.74 -15.11
N ALA B 220 4.34 21.55 -15.58
CA ALA B 220 5.04 20.29 -15.22
C ALA B 220 5.53 19.52 -16.44
N THR B 221 6.70 18.88 -16.28
CA THR B 221 7.27 17.86 -17.19
C THR B 221 7.34 16.54 -16.43
N GLY B 222 6.67 15.51 -16.94
CA GLY B 222 6.85 14.11 -16.51
C GLY B 222 7.99 13.49 -17.29
N ILE B 223 8.84 12.72 -16.60
CA ILE B 223 9.97 11.96 -17.21
C ILE B 223 9.88 10.53 -16.68
N ALA B 224 9.85 9.54 -17.56
CA ALA B 224 9.63 8.13 -17.16
C ALA B 224 10.67 7.22 -17.81
N VAL B 225 11.10 6.20 -17.07
CA VAL B 225 11.99 5.11 -17.56
C VAL B 225 11.30 3.78 -17.28
N PRO B 226 11.67 2.71 -18.04
CA PRO B 226 11.08 1.39 -17.84
C PRO B 226 11.74 0.62 -16.68
N ILE B 227 10.94 -0.26 -16.07
CA ILE B 227 11.40 -1.27 -15.08
C ILE B 227 11.12 -2.63 -15.69
N ARG B 228 12.16 -3.45 -15.87
CA ARG B 228 12.05 -4.77 -16.54
C ARG B 228 12.16 -5.90 -15.52
N SER B 229 11.42 -6.98 -15.76
CA SER B 229 11.53 -8.29 -15.06
C SER B 229 11.47 -9.41 -16.11
N GLU B 230 12.56 -10.18 -16.22
CA GLU B 230 12.69 -11.31 -17.19
C GLU B 230 12.46 -10.78 -18.61
N GLY B 231 13.03 -9.61 -18.92
CA GLY B 231 12.99 -8.98 -20.26
C GLY B 231 11.60 -8.48 -20.63
N VAL B 232 10.74 -8.16 -19.65
CA VAL B 232 9.40 -7.56 -19.89
C VAL B 232 9.30 -6.28 -19.06
N VAL B 233 8.87 -5.17 -19.68
CA VAL B 233 8.59 -3.91 -18.96
C VAL B 233 7.31 -4.14 -18.16
N ILE B 234 7.42 -4.09 -16.84
CA ILE B 234 6.28 -4.35 -15.89
C ILE B 234 5.82 -3.03 -15.27
N ALA B 235 6.65 -1.98 -15.30
CA ALA B 235 6.29 -0.71 -14.65
C ALA B 235 7.16 0.42 -15.19
N ALA B 236 6.75 1.65 -14.87
CA ALA B 236 7.47 2.88 -15.21
C ALA B 236 7.82 3.61 -13.92
N LEU B 237 9.08 4.05 -13.82
CA LEU B 237 9.56 4.92 -12.74
C LEU B 237 9.67 6.32 -13.34
N SER B 238 9.07 7.31 -12.69
CA SER B 238 8.92 8.66 -13.28
C SER B 238 9.26 9.71 -12.23
N ALA B 239 9.63 10.88 -12.71
CA ALA B 239 9.68 12.12 -11.94
C ALA B 239 8.69 13.12 -12.55
N VAL B 240 8.13 13.98 -11.72
CA VAL B 240 7.35 15.18 -12.15
C VAL B 240 8.11 16.40 -11.61
N GLN B 241 8.46 17.35 -12.48
CA GLN B 241 9.31 18.50 -12.12
C GLN B 241 8.84 19.73 -12.91
N PRO B 242 9.12 20.96 -12.42
CA PRO B 242 8.81 22.17 -13.17
C PRO B 242 9.31 22.05 -14.62
N LEU B 243 8.54 22.58 -15.57
CA LEU B 243 8.75 22.50 -17.04
C LEU B 243 10.15 22.99 -17.43
N GLN B 244 10.66 24.01 -16.74
CA GLN B 244 11.91 24.74 -17.09
C GLN B 244 13.13 23.99 -16.54
N ASN B 245 12.93 22.97 -15.69
CA ASN B 245 14.06 22.25 -15.05
C ASN B 245 14.76 21.42 -16.13
N ALA B 246 16.08 21.28 -16.01
CA ALA B 246 16.89 20.42 -16.88
C ALA B 246 16.32 19.00 -16.86
N VAL B 247 16.31 18.33 -18.00
CA VAL B 247 15.71 16.99 -18.22
C VAL B 247 16.79 15.91 -18.03
N GLU B 248 17.98 16.13 -18.61
CA GLU B 248 19.05 15.12 -18.74
C GLU B 248 19.47 14.63 -17.36
N PRO B 249 19.66 15.51 -16.34
CA PRO B 249 20.06 15.04 -15.01
C PRO B 249 19.02 14.07 -14.42
N THR B 250 17.73 14.40 -14.54
CA THR B 250 16.61 13.60 -14.00
C THR B 250 16.56 12.24 -14.71
N VAL B 251 16.66 12.23 -16.05
CA VAL B 251 16.71 10.99 -16.89
C VAL B 251 17.77 10.05 -16.31
N GLU B 252 19.01 10.53 -16.14
CA GLU B 252 20.17 9.73 -15.66
C GLU B 252 19.88 9.17 -14.27
N ILE B 253 19.37 10.03 -13.37
CA ILE B 253 19.06 9.67 -11.96
C ILE B 253 18.00 8.56 -11.95
N LEU B 254 16.98 8.64 -12.82
CA LEU B 254 15.89 7.62 -12.90
C LEU B 254 16.45 6.30 -13.47
N ARG B 255 17.27 6.35 -14.52
CA ARG B 255 17.94 5.14 -15.07
C ARG B 255 18.71 4.42 -13.96
N GLU B 256 19.53 5.14 -13.19
CA GLU B 256 20.34 4.56 -12.10
C GLU B 256 19.39 3.86 -11.12
N ALA B 257 18.35 4.56 -10.68
CA ALA B 257 17.31 4.02 -9.77
C ALA B 257 16.71 2.76 -10.41
N ALA B 258 16.34 2.80 -11.68
CA ALA B 258 15.70 1.67 -12.40
C ALA B 258 16.63 0.45 -12.41
N VAL B 259 17.94 0.66 -12.58
CA VAL B 259 18.96 -0.43 -12.57
C VAL B 259 18.96 -1.06 -11.17
N GLY B 260 19.06 -0.23 -10.13
CA GLY B 260 18.97 -0.67 -8.73
C GLY B 260 17.72 -1.52 -8.50
N ILE B 261 16.57 -1.06 -8.97
CA ILE B 261 15.28 -1.79 -8.79
C ILE B 261 15.40 -3.16 -9.46
N GLU B 262 15.87 -3.21 -10.71
CA GLU B 262 15.96 -4.46 -11.50
C GLU B 262 16.91 -5.44 -10.82
N THR B 263 18.03 -4.96 -10.27
CA THR B 263 18.98 -5.79 -9.49
C THR B 263 18.23 -6.45 -8.34
N ASP B 264 17.62 -5.60 -7.49
CA ASP B 264 16.93 -5.99 -6.24
C ASP B 264 15.72 -6.89 -6.55
N LEU B 265 15.05 -6.67 -7.69
CA LEU B 265 13.92 -7.52 -8.14
C LEU B 265 14.44 -8.92 -8.45
N ARG B 266 15.55 -9.00 -9.20
CA ARG B 266 16.11 -10.30 -9.68
C ARG B 266 16.38 -11.23 -8.50
N ALA B 267 16.73 -10.70 -7.33
CA ALA B 267 16.93 -11.52 -6.10
C ALA B 267 15.96 -11.08 -5.00
N SER B 268 14.64 -11.28 -5.17
CA SER B 268 13.60 -10.97 -4.15
C SER B 268 12.48 -12.01 -4.22
C1' PHB C . 8.48 -5.23 18.19
O1' PHB C . 8.75 -5.46 19.40
O2' PHB C . 7.63 -4.40 17.77
C1 PHB C . 9.19 -6.08 17.17
C2 PHB C . 10.41 -6.66 17.45
C3 PHB C . 11.04 -7.47 16.52
C4 PHB C . 10.44 -7.72 15.30
C5 PHB C . 9.20 -7.16 15.01
C6 PHB C . 8.58 -6.33 15.94
O4 PHB C . 11.05 -8.52 14.38
C1' PHB D . 3.56 12.51 -16.32
O1' PHB D . 3.78 11.33 -15.97
O2' PHB D . 3.84 12.98 -17.44
C1 PHB D . 2.88 13.42 -15.34
C2 PHB D . 3.14 14.78 -15.36
C3 PHB D . 2.48 15.64 -14.49
C4 PHB D . 1.56 15.12 -13.59
C5 PHB D . 1.31 13.76 -13.57
C6 PHB D . 1.95 12.92 -14.45
O4 PHB D . 0.89 15.95 -12.73
#